data_5RHV
#
_entry.id   5RHV
#
_cell.length_a   53.560
_cell.length_b   69.240
_cell.length_c   57.330
_cell.angle_alpha   90.000
_cell.angle_beta   92.370
_cell.angle_gamma   90.000
#
_symmetry.space_group_name_H-M   'P 1 21 1'
#
loop_
_entity.id
_entity.type
_entity.pdbx_description
1 polymer 'NS3 Helicase'
2 non-polymer 1,2-ETHANEDIOL
3 non-polymer 'PHOSPHATE ION'
4 non-polymer (4S)-2-METHYL-2,4-PENTANEDIOL
5 non-polymer 2-methoxy-N-(4-phenyl-1,3-thiazol-2-yl)acetamide
6 water water
#
_entity_poly.entity_id   1
_entity_poly.type   'polypeptide(L)'
_entity_poly.pdbx_seq_one_letter_code
;MLKKKQLTVLDLHPGAGKTRRVLPEIVREAIKKRLRTVILAPTRVVAAEMEEALRGLPVRYMTTAVNVTHSGTEIVDLMC
HATFTSRLLQPIRVPNYNLNIMDEAHFTDPSSIAARGYISTRVEMGEAAAIFMTATPPGTRDAFPDSNSPIMDTEVEVPE
RAWSSGFDWVTDHSGKTVWFVPSVRNGNEIAACLTKAGKRVIQLSRKTFETEFQKTKNQEWDFVITTDISEMGANFKADR
VIDSRRCLKPVILDGERVILAGPMPVTHASAAQRRGRIGRNPNKPGDEYMYGGGCAETDEGHAHWLEARMLLDNIYLQDG
LIASLYRPEADKVAAIEGEFKLRTEQRKTFVELMKRGDLPVWLAYQVASAGITYTDRRWCFDGTTNNTIMEDSVPAEVWT
KYGEKRVLKPRWMDARVCSDHAALKSFKEFAAGKR
;
_entity_poly.pdbx_strand_id   A
#
# COMPACT_ATOMS: atom_id res chain seq x y z
N MET A 1 3.25 27.62 2.62
CA MET A 1 2.42 26.37 2.41
C MET A 1 1.32 26.26 3.48
N LEU A 2 1.47 26.93 4.63
CA LEU A 2 0.78 26.55 5.90
C LEU A 2 -0.56 27.29 6.08
N LYS A 3 -0.84 28.34 5.28
CA LYS A 3 -2.13 29.09 5.19
C LYS A 3 -3.30 28.15 4.90
N LYS A 4 -4.37 28.28 5.69
CA LYS A 4 -5.63 27.50 5.52
C LYS A 4 -6.01 27.50 4.03
N LYS A 5 -6.98 26.66 3.68
CA LYS A 5 -7.55 26.53 2.32
C LYS A 5 -6.46 26.18 1.29
N GLN A 6 -5.26 25.73 1.67
CA GLN A 6 -4.25 25.38 0.63
C GLN A 6 -3.83 23.90 0.66
N LEU A 7 -3.83 23.24 -0.49
CA LEU A 7 -3.18 21.92 -0.70
C LEU A 7 -1.94 22.13 -1.57
N THR A 8 -0.76 21.82 -1.05
CA THR A 8 0.53 21.91 -1.74
C THR A 8 1.04 20.52 -2.07
N VAL A 9 1.45 20.31 -3.32
CA VAL A 9 2.07 19.04 -3.76
C VAL A 9 3.57 19.31 -3.79
N LEU A 10 4.30 18.72 -2.86
CA LEU A 10 5.78 18.80 -2.78
C LEU A 10 6.32 17.63 -3.60
N ASP A 11 6.67 17.93 -4.86
CA ASP A 11 6.98 16.94 -5.92
C ASP A 11 8.49 17.00 -6.25
N LEU A 12 9.35 17.28 -5.28
CA LEU A 12 10.81 17.13 -5.49
C LEU A 12 11.09 15.68 -5.93
N HIS A 13 12.11 15.48 -6.76
CA HIS A 13 12.51 14.14 -7.26
C HIS A 13 12.86 13.20 -6.10
N PRO A 14 12.81 11.87 -6.35
CA PRO A 14 13.14 10.87 -5.34
C PRO A 14 14.57 11.16 -4.86
N GLY A 15 14.76 11.14 -3.54
CA GLY A 15 16.07 11.37 -2.91
C GLY A 15 16.42 12.83 -2.76
N ALA A 16 15.51 13.76 -3.06
CA ALA A 16 15.74 15.23 -2.96
C ALA A 16 15.76 15.70 -1.49
N GLY A 17 15.30 14.87 -0.55
CA GLY A 17 15.30 15.15 0.91
C GLY A 17 13.95 15.60 1.46
N LYS A 18 12.86 15.25 0.80
CA LYS A 18 11.48 15.60 1.27
C LYS A 18 11.34 15.11 2.73
N THR A 19 11.68 13.86 3.00
CA THR A 19 11.41 13.22 4.30
C THR A 19 12.40 13.71 5.37
N ARG A 20 13.70 13.85 5.06
CA ARG A 20 14.75 14.07 6.09
C ARG A 20 15.12 15.55 6.22
N ARG A 21 14.89 16.37 5.20
CA ARG A 21 15.28 17.80 5.28
C ARG A 21 14.02 18.67 5.32
N VAL A 22 13.09 18.51 4.38
CA VAL A 22 11.93 19.46 4.24
C VAL A 22 10.92 19.18 5.37
N LEU A 23 10.60 17.92 5.64
CA LEU A 23 9.57 17.59 6.66
C LEU A 23 9.92 18.22 8.02
N PRO A 24 11.14 18.13 8.58
CA PRO A 24 11.40 18.75 9.88
C PRO A 24 11.22 20.27 9.87
N GLU A 25 11.51 20.91 8.73
CA GLU A 25 11.35 22.38 8.58
C GLU A 25 9.86 22.71 8.68
N ILE A 26 9.01 21.97 7.96
CA ILE A 26 7.53 22.17 7.95
C ILE A 26 7.00 22.01 9.38
N VAL A 27 7.43 20.96 10.06
CA VAL A 27 6.98 20.62 11.44
C VAL A 27 7.36 21.76 12.40
N ARG A 28 8.59 22.27 12.33
CA ARG A 28 9.04 23.40 13.18
C ARG A 28 8.15 24.62 12.95
N GLU A 29 7.84 24.92 11.68
CA GLU A 29 7.01 26.09 11.33
C GLU A 29 5.59 25.88 11.86
N ALA A 30 5.09 24.66 11.75
CA ALA A 30 3.72 24.30 12.19
C ALA A 30 3.58 24.51 13.69
N ILE A 31 4.55 24.05 14.47
CA ILE A 31 4.59 24.17 15.95
C ILE A 31 4.64 25.67 16.30
N LYS A 32 5.51 26.44 15.65
CA LYS A 32 5.62 27.93 15.82
C LYS A 32 4.23 28.55 15.67
N LYS A 33 3.44 28.13 14.68
CA LYS A 33 2.13 28.74 14.35
C LYS A 33 1.01 28.07 15.14
N ARG A 34 1.31 27.12 16.03
CA ARG A 34 0.29 26.41 16.85
C ARG A 34 -0.72 25.74 15.92
N LEU A 35 -0.27 25.12 14.85
CA LEU A 35 -1.15 24.29 13.98
C LEU A 35 -1.20 22.86 14.53
N ARG A 36 -2.39 22.38 14.90
CA ARG A 36 -2.62 20.94 15.20
C ARG A 36 -2.35 20.19 13.88
N THR A 37 -1.35 19.32 13.89
CA THR A 37 -0.75 18.77 12.63
C THR A 37 -0.79 17.24 12.70
N VAL A 38 -1.15 16.60 11.59
CA VAL A 38 -0.93 15.14 11.47
C VAL A 38 0.08 14.91 10.37
N ILE A 39 0.96 13.94 10.62
CA ILE A 39 1.95 13.41 9.65
C ILE A 39 1.57 11.95 9.38
N LEU A 40 1.35 11.62 8.12
CA LEU A 40 0.90 10.28 7.69
C LEU A 40 2.05 9.56 6.97
N ALA A 41 2.53 8.48 7.59
CA ALA A 41 3.58 7.60 7.04
C ALA A 41 2.88 6.42 6.34
N PRO A 42 3.36 5.97 5.18
CA PRO A 42 2.71 4.86 4.47
C PRO A 42 2.87 3.50 5.20
N THR A 43 3.97 3.34 5.94
CA THR A 43 4.37 2.10 6.63
C THR A 43 5.04 2.38 7.96
N ARG A 44 5.10 1.34 8.79
N ARG A 44 5.10 1.34 8.79
CA ARG A 44 5.72 1.41 10.14
CA ARG A 44 5.71 1.39 10.15
C ARG A 44 7.21 1.69 9.95
C ARG A 44 7.23 1.58 10.00
N VAL A 45 7.80 1.13 8.87
CA VAL A 45 9.23 1.34 8.55
C VAL A 45 9.48 2.83 8.33
N VAL A 46 8.64 3.51 7.54
CA VAL A 46 8.83 4.96 7.27
C VAL A 46 8.57 5.74 8.57
N ALA A 47 7.55 5.38 9.34
CA ALA A 47 7.26 5.99 10.66
C ALA A 47 8.55 6.04 11.52
N ALA A 48 9.27 4.92 11.64
CA ALA A 48 10.56 4.84 12.40
C ALA A 48 11.62 5.74 11.76
N GLU A 49 11.73 5.82 10.44
CA GLU A 49 12.71 6.74 9.76
C GLU A 49 12.34 8.20 10.03
N MET A 50 11.06 8.50 10.08
CA MET A 50 10.58 9.86 10.39
C MET A 50 10.96 10.21 11.83
N GLU A 51 10.82 9.28 12.79
CA GLU A 51 11.18 9.57 14.19
C GLU A 51 12.65 10.02 14.21
N GLU A 52 13.50 9.35 13.43
CA GLU A 52 14.95 9.71 13.40
C GLU A 52 15.11 11.14 12.86
N ALA A 53 14.41 11.49 11.78
CA ALA A 53 14.49 12.82 11.13
C ALA A 53 13.90 13.92 12.02
N LEU A 54 12.92 13.56 12.85
CA LEU A 54 12.18 14.52 13.68
C LEU A 54 12.68 14.48 15.11
N ARG A 55 13.71 13.69 15.40
CA ARG A 55 14.10 13.42 16.81
C ARG A 55 14.41 14.76 17.48
N GLY A 56 13.86 14.99 18.67
CA GLY A 56 14.04 16.28 19.39
C GLY A 56 12.82 17.18 19.30
N LEU A 57 12.01 17.04 18.24
CA LEU A 57 10.76 17.82 18.04
C LEU A 57 9.62 17.16 18.80
N PRO A 58 8.69 17.95 19.38
CA PRO A 58 7.56 17.41 20.13
C PRO A 58 6.51 16.79 19.19
N VAL A 59 6.67 15.51 18.91
CA VAL A 59 5.77 14.73 18.01
C VAL A 59 5.24 13.53 18.79
N ARG A 60 3.92 13.32 18.74
CA ARG A 60 3.20 12.18 19.36
C ARG A 60 3.12 11.07 18.32
N TYR A 61 3.80 9.96 18.58
CA TYR A 61 3.95 8.80 17.68
C TYR A 61 2.81 7.83 17.99
N MET A 62 1.80 7.79 17.12
CA MET A 62 0.61 6.94 17.33
C MET A 62 0.84 5.65 16.55
N THR A 63 1.94 4.95 16.89
CA THR A 63 2.39 3.70 16.24
C THR A 63 3.25 2.93 17.26
N THR A 64 3.15 1.58 17.37
CA THR A 64 4.07 0.82 18.26
C THR A 64 5.42 0.57 17.57
N ALA A 65 5.58 1.02 16.34
CA ALA A 65 6.84 0.95 15.56
C ALA A 65 7.93 1.85 16.17
N VAL A 66 7.54 2.75 17.07
CA VAL A 66 8.45 3.72 17.75
C VAL A 66 8.23 3.51 19.26
N ASN A 67 9.29 3.34 20.04
CA ASN A 67 9.18 3.18 21.51
C ASN A 67 9.54 4.51 22.15
N VAL A 68 8.64 5.51 22.18
CA VAL A 68 8.95 6.84 22.80
C VAL A 68 7.91 7.18 23.88
N THR A 69 8.40 7.69 25.01
CA THR A 69 7.60 8.28 26.11
C THR A 69 7.13 9.67 25.65
N HIS A 70 5.86 9.81 25.22
CA HIS A 70 5.18 11.11 24.90
C HIS A 70 4.94 11.96 26.14
N SER A 71 5.22 13.26 26.04
CA SER A 71 5.14 14.28 27.12
C SER A 71 3.68 14.64 27.44
N GLY A 72 2.77 14.46 26.49
CA GLY A 72 1.38 14.94 26.58
C GLY A 72 1.23 16.38 26.11
N THR A 73 2.32 17.05 25.72
CA THR A 73 2.30 18.46 25.21
C THR A 73 2.59 18.56 23.71
N GLU A 74 2.44 17.48 22.96
CA GLU A 74 2.64 17.51 21.50
C GLU A 74 1.34 18.01 20.84
N ILE A 75 1.44 18.89 19.84
CA ILE A 75 0.28 19.21 18.96
C ILE A 75 0.54 18.63 17.57
N VAL A 76 1.60 17.85 17.39
CA VAL A 76 1.87 17.16 16.10
C VAL A 76 1.74 15.68 16.35
N ASP A 77 0.87 15.02 15.57
CA ASP A 77 0.65 13.56 15.66
C ASP A 77 1.24 12.90 14.43
N LEU A 78 1.79 11.71 14.60
CA LEU A 78 2.32 10.91 13.47
C LEU A 78 1.67 9.52 13.53
N MET A 79 1.06 9.10 12.43
CA MET A 79 0.50 7.74 12.37
C MET A 79 0.59 7.27 10.93
N CYS A 80 0.33 6.00 10.71
CA CYS A 80 0.32 5.44 9.34
C CYS A 80 -0.92 5.92 8.58
N HIS A 81 -0.85 5.97 7.23
CA HIS A 81 -2.06 6.30 6.42
C HIS A 81 -3.25 5.44 6.85
N ALA A 82 -3.05 4.12 7.00
CA ALA A 82 -4.13 3.15 7.33
C ALA A 82 -4.74 3.46 8.69
N THR A 83 -3.94 3.88 9.67
CA THR A 83 -4.39 4.20 11.04
C THR A 83 -5.30 5.43 11.00
N PHE A 84 -4.93 6.43 10.21
CA PHE A 84 -5.75 7.65 10.05
C PHE A 84 -7.15 7.25 9.58
N THR A 85 -7.21 6.52 8.45
CA THR A 85 -8.49 6.12 7.85
C THR A 85 -9.26 5.22 8.83
N SER A 86 -8.57 4.30 9.50
CA SER A 86 -9.18 3.39 10.49
C SER A 86 -9.83 4.20 11.61
N ARG A 87 -9.11 5.19 12.14
CA ARG A 87 -9.67 5.99 13.27
C ARG A 87 -10.85 6.83 12.78
N LEU A 88 -10.80 7.31 11.54
CA LEU A 88 -11.97 8.06 10.99
C LEU A 88 -13.19 7.16 10.95
N LEU A 89 -13.04 5.92 10.51
CA LEU A 89 -14.17 4.96 10.39
C LEU A 89 -14.73 4.54 11.76
N GLN A 90 -13.87 4.43 12.77
CA GLN A 90 -14.26 3.97 14.11
C GLN A 90 -14.95 5.10 14.89
N PRO A 91 -15.70 4.69 15.95
CA PRO A 91 -16.40 5.60 16.86
C PRO A 91 -15.40 6.15 17.85
N ILE A 92 -14.49 6.94 17.33
CA ILE A 92 -13.39 7.61 18.07
C ILE A 92 -13.19 8.95 17.37
N ARG A 93 -13.11 10.02 18.16
CA ARG A 93 -12.81 11.42 17.79
C ARG A 93 -11.40 11.49 17.22
N VAL A 94 -11.31 11.93 15.98
CA VAL A 94 -10.03 12.30 15.31
C VAL A 94 -10.02 13.82 15.36
N PRO A 95 -8.94 14.46 15.85
CA PRO A 95 -8.90 15.92 15.93
C PRO A 95 -9.13 16.47 14.52
N ASN A 96 -9.67 17.67 14.39
CA ASN A 96 -9.79 18.34 13.07
C ASN A 96 -8.48 19.07 12.78
N TYR A 97 -7.46 18.34 12.30
CA TYR A 97 -6.08 18.82 12.12
C TYR A 97 -6.10 20.04 11.20
N ASN A 98 -5.40 21.11 11.62
CA ASN A 98 -5.26 22.35 10.82
C ASN A 98 -4.35 22.09 9.61
N LEU A 99 -3.32 21.26 9.79
CA LEU A 99 -2.32 20.93 8.77
C LEU A 99 -2.20 19.40 8.67
N ASN A 100 -2.37 18.89 7.44
CA ASN A 100 -2.39 17.43 7.14
C ASN A 100 -1.22 17.16 6.20
N ILE A 101 -0.22 16.43 6.68
CA ILE A 101 0.99 16.13 5.89
C ILE A 101 0.97 14.64 5.53
N MET A 102 0.94 14.34 4.24
CA MET A 102 0.97 12.93 3.79
C MET A 102 2.31 12.68 3.11
N ASP A 103 3.17 11.86 3.73
CA ASP A 103 4.42 11.43 3.07
C ASP A 103 4.11 10.23 2.17
N GLU A 104 4.89 10.08 1.09
CA GLU A 104 4.71 9.02 0.06
C GLU A 104 3.23 9.01 -0.37
N ALA A 105 2.75 10.17 -0.81
CA ALA A 105 1.33 10.49 -1.06
C ALA A 105 0.87 9.86 -2.38
N HIS A 106 1.75 9.13 -3.06
CA HIS A 106 1.39 8.34 -4.27
C HIS A 106 0.77 6.98 -3.90
N PHE A 107 0.78 6.57 -2.63
CA PHE A 107 0.40 5.19 -2.20
C PHE A 107 -1.03 4.92 -2.68
N THR A 108 -1.24 3.82 -3.41
CA THR A 108 -2.55 3.49 -4.01
C THR A 108 -3.31 2.41 -3.23
N ASP A 109 -2.94 2.13 -1.97
CA ASP A 109 -3.78 1.25 -1.14
C ASP A 109 -5.07 2.03 -0.83
N PRO A 110 -6.21 1.31 -0.72
CA PRO A 110 -7.50 1.96 -0.52
C PRO A 110 -7.53 2.97 0.63
N SER A 111 -6.92 2.64 1.76
CA SER A 111 -6.91 3.56 2.94
C SER A 111 -6.12 4.84 2.65
N SER A 112 -5.11 4.79 1.78
CA SER A 112 -4.32 5.98 1.43
C SER A 112 -5.18 6.85 0.50
N ILE A 113 -5.76 6.24 -0.53
CA ILE A 113 -6.64 7.00 -1.46
C ILE A 113 -7.74 7.68 -0.62
N ALA A 114 -8.40 6.94 0.29
CA ALA A 114 -9.47 7.46 1.16
C ALA A 114 -8.94 8.65 1.99
N ALA A 115 -7.79 8.50 2.65
CA ALA A 115 -7.17 9.59 3.43
C ALA A 115 -6.97 10.84 2.54
N ARG A 116 -6.47 10.67 1.31
CA ARG A 116 -6.29 11.86 0.42
C ARG A 116 -7.64 12.51 0.12
N GLY A 117 -8.66 11.71 -0.07
CA GLY A 117 -10.01 12.21 -0.41
C GLY A 117 -10.59 13.01 0.74
N TYR A 118 -10.49 12.45 1.94
CA TYR A 118 -10.96 13.14 3.14
C TYR A 118 -10.18 14.45 3.33
N ILE A 119 -8.85 14.41 3.28
CA ILE A 119 -7.99 15.61 3.54
C ILE A 119 -8.29 16.67 2.48
N SER A 120 -8.31 16.27 1.21
CA SER A 120 -8.44 17.24 0.11
C SER A 120 -9.84 17.86 0.17
N THR A 121 -10.86 17.12 0.64
CA THR A 121 -12.24 17.64 0.80
C THR A 121 -12.22 18.70 1.91
N ARG A 122 -11.51 18.47 3.02
CA ARG A 122 -11.44 19.45 4.12
C ARG A 122 -10.74 20.71 3.59
N VAL A 123 -9.69 20.58 2.78
CA VAL A 123 -9.00 21.76 2.21
C VAL A 123 -9.98 22.53 1.28
N GLU A 124 -10.67 21.81 0.39
CA GLU A 124 -11.65 22.42 -0.56
C GLU A 124 -12.72 23.18 0.23
N MET A 125 -13.17 22.63 1.36
CA MET A 125 -14.14 23.29 2.27
C MET A 125 -13.59 24.55 2.94
N GLY A 126 -12.27 24.77 2.89
CA GLY A 126 -11.62 25.92 3.53
C GLY A 126 -11.35 25.68 5.01
N GLU A 127 -11.31 24.41 5.43
CA GLU A 127 -11.28 24.04 6.86
C GLU A 127 -9.84 23.72 7.29
N ALA A 128 -8.90 23.50 6.36
CA ALA A 128 -7.57 22.95 6.68
C ALA A 128 -6.57 23.22 5.55
N ALA A 129 -5.30 23.02 5.85
CA ALA A 129 -4.18 22.98 4.88
C ALA A 129 -3.66 21.54 4.76
N ALA A 130 -3.03 21.22 3.65
CA ALA A 130 -2.47 19.89 3.41
C ALA A 130 -1.22 20.02 2.58
N ILE A 131 -0.28 19.14 2.85
CA ILE A 131 0.91 18.98 2.00
C ILE A 131 0.98 17.49 1.64
N PHE A 132 0.94 17.19 0.34
CA PHE A 132 1.16 15.82 -0.17
C PHE A 132 2.59 15.74 -0.71
N MET A 133 3.42 14.90 -0.09
CA MET A 133 4.84 14.78 -0.43
C MET A 133 5.01 13.54 -1.31
N THR A 134 5.37 13.75 -2.58
CA THR A 134 5.64 12.64 -3.51
C THR A 134 6.33 13.18 -4.77
N ALA A 135 7.36 12.47 -5.19
CA ALA A 135 8.01 12.62 -6.52
C ALA A 135 7.00 12.37 -7.66
N THR A 136 5.92 11.63 -7.43
CA THR A 136 5.06 11.08 -8.51
C THR A 136 3.60 11.28 -8.17
N PRO A 137 3.06 12.52 -8.26
CA PRO A 137 1.66 12.76 -7.95
C PRO A 137 0.76 12.06 -8.96
N PRO A 138 -0.55 11.89 -8.66
CA PRO A 138 -1.46 11.20 -9.58
C PRO A 138 -1.45 11.72 -11.02
N GLY A 139 -1.35 10.80 -12.00
CA GLY A 139 -1.38 11.14 -13.43
C GLY A 139 -0.01 11.52 -13.98
N THR A 140 1.03 11.51 -13.17
CA THR A 140 2.43 11.71 -13.64
C THR A 140 2.64 10.79 -14.85
N ARG A 141 3.33 11.28 -15.85
CA ARG A 141 3.58 10.59 -17.13
C ARG A 141 5.07 10.35 -17.31
N ASP A 142 5.90 10.72 -16.32
CA ASP A 142 7.38 10.64 -16.43
C ASP A 142 7.89 9.50 -15.55
N ALA A 143 8.26 8.39 -16.16
CA ALA A 143 8.84 7.21 -15.47
C ALA A 143 10.31 7.46 -15.15
N PHE A 144 10.91 8.54 -15.66
CA PHE A 144 12.39 8.72 -15.60
C PHE A 144 12.71 10.10 -15.02
N PRO A 145 12.28 10.39 -13.79
CA PRO A 145 12.57 11.70 -13.21
C PRO A 145 14.05 11.89 -12.84
N ASP A 146 14.40 13.10 -12.45
CA ASP A 146 15.75 13.44 -11.98
C ASP A 146 16.11 12.54 -10.79
N SER A 147 17.41 12.35 -10.55
CA SER A 147 17.98 11.60 -9.42
C SER A 147 19.17 12.38 -8.87
N ASN A 148 19.68 11.96 -7.72
CA ASN A 148 20.87 12.55 -7.05
C ASN A 148 22.12 12.26 -7.88
N SER A 149 22.22 11.08 -8.52
CA SER A 149 23.31 10.79 -9.48
C SER A 149 22.78 10.10 -10.73
N PRO A 150 23.50 10.25 -11.86
CA PRO A 150 23.10 9.64 -13.11
C PRO A 150 22.81 8.15 -12.98
N ILE A 151 21.72 7.73 -13.62
CA ILE A 151 21.28 6.32 -13.71
C ILE A 151 21.49 5.81 -15.15
N MET A 152 21.96 4.57 -15.27
CA MET A 152 22.02 3.85 -16.56
C MET A 152 20.65 3.14 -16.75
N ASP A 153 19.81 3.66 -17.64
CA ASP A 153 18.47 3.10 -17.98
C ASP A 153 18.65 2.13 -19.14
N THR A 154 18.28 0.85 -18.98
CA THR A 154 18.37 -0.11 -20.09
C THR A 154 17.08 -0.90 -20.18
N GLU A 155 16.42 -0.85 -21.33
CA GLU A 155 15.27 -1.72 -21.67
C GLU A 155 15.83 -3.09 -21.98
N VAL A 156 15.40 -4.12 -21.27
CA VAL A 156 15.94 -5.51 -21.42
C VAL A 156 14.82 -6.49 -21.06
N GLU A 157 14.80 -7.67 -21.68
CA GLU A 157 13.89 -8.75 -21.27
C GLU A 157 14.30 -9.20 -19.86
N VAL A 158 13.37 -9.17 -18.94
CA VAL A 158 13.60 -9.56 -17.53
C VAL A 158 12.87 -10.88 -17.30
N PRO A 159 13.52 -11.88 -16.67
CA PRO A 159 12.83 -13.11 -16.34
C PRO A 159 11.69 -12.90 -15.34
N GLU A 160 10.61 -13.65 -15.52
CA GLU A 160 9.46 -13.76 -14.58
C GLU A 160 9.27 -15.22 -14.14
N ARG A 161 10.21 -16.08 -14.51
CA ARG A 161 10.22 -17.51 -14.18
C ARG A 161 11.66 -17.91 -13.89
N ALA A 162 11.87 -19.04 -13.24
CA ALA A 162 13.21 -19.65 -13.18
C ALA A 162 13.76 -19.71 -14.61
N TRP A 163 15.07 -19.58 -14.76
CA TRP A 163 15.75 -19.68 -16.07
C TRP A 163 17.01 -20.54 -15.91
N SER A 164 17.44 -21.19 -17.00
CA SER A 164 18.70 -21.98 -17.06
C SER A 164 19.75 -21.29 -17.94
N SER A 165 19.39 -20.28 -18.71
CA SER A 165 20.28 -19.67 -19.72
C SER A 165 19.65 -18.39 -20.29
N GLY A 166 20.44 -17.53 -20.91
CA GLY A 166 19.93 -16.38 -21.66
C GLY A 166 19.83 -15.10 -20.85
N PHE A 167 20.13 -15.14 -19.54
CA PHE A 167 20.08 -13.92 -18.66
C PHE A 167 21.35 -13.81 -17.82
N ASP A 168 22.53 -14.01 -18.42
CA ASP A 168 23.80 -14.03 -17.66
C ASP A 168 23.95 -12.70 -16.90
N TRP A 169 23.49 -11.59 -17.48
CA TRP A 169 23.66 -10.23 -16.89
C TRP A 169 23.00 -10.16 -15.51
N VAL A 170 22.00 -10.98 -15.24
CA VAL A 170 21.35 -10.97 -13.91
C VAL A 170 22.34 -11.44 -12.84
N THR A 171 22.97 -12.59 -13.05
CA THR A 171 23.78 -13.26 -12.00
C THR A 171 25.24 -12.79 -12.08
N ASP A 172 25.67 -12.27 -13.23
CA ASP A 172 27.08 -11.85 -13.47
C ASP A 172 27.46 -10.58 -12.70
N HIS A 173 26.51 -9.96 -12.02
CA HIS A 173 26.64 -8.68 -11.27
C HIS A 173 27.22 -8.94 -9.88
N SER A 174 28.08 -8.06 -9.39
CA SER A 174 28.78 -8.27 -8.08
C SER A 174 28.23 -7.31 -7.02
N GLY A 175 27.28 -6.44 -7.36
CA GLY A 175 26.69 -5.46 -6.43
C GLY A 175 25.43 -5.99 -5.77
N LYS A 176 24.56 -5.08 -5.36
CA LYS A 176 23.28 -5.44 -4.70
C LYS A 176 22.12 -4.97 -5.58
N THR A 177 21.12 -5.83 -5.76
CA THR A 177 19.99 -5.65 -6.71
C THR A 177 18.68 -5.67 -5.96
N VAL A 178 17.83 -4.68 -6.22
CA VAL A 178 16.42 -4.68 -5.79
C VAL A 178 15.59 -5.07 -7.02
N TRP A 179 14.83 -6.14 -6.92
CA TRP A 179 14.10 -6.69 -8.10
C TRP A 179 12.62 -6.62 -7.78
N PHE A 180 11.89 -5.81 -8.53
CA PHE A 180 10.43 -5.67 -8.42
C PHE A 180 9.75 -6.71 -9.30
N VAL A 181 8.98 -7.56 -8.63
CA VAL A 181 8.16 -8.65 -9.21
C VAL A 181 6.68 -8.30 -9.10
N PRO A 182 5.82 -8.88 -9.97
CA PRO A 182 4.39 -8.54 -9.91
C PRO A 182 3.60 -9.18 -8.77
N SER A 183 4.12 -10.24 -8.17
CA SER A 183 3.37 -10.95 -7.12
C SER A 183 4.32 -11.68 -6.19
N VAL A 184 3.82 -12.04 -5.03
CA VAL A 184 4.58 -12.87 -4.07
C VAL A 184 4.99 -14.19 -4.74
N ARG A 185 4.04 -14.86 -5.41
CA ARG A 185 4.25 -16.20 -5.99
C ARG A 185 5.34 -16.12 -7.06
N ASN A 186 5.32 -15.08 -7.90
N ASN A 186 5.30 -15.06 -7.86
CA ASN A 186 6.38 -14.90 -8.94
CA ASN A 186 6.33 -14.80 -8.90
C ASN A 186 7.72 -14.65 -8.24
C ASN A 186 7.69 -14.66 -8.22
N GLY A 187 7.74 -13.85 -7.16
CA GLY A 187 9.00 -13.62 -6.41
C GLY A 187 9.58 -14.91 -5.81
N ASN A 188 8.71 -15.80 -5.34
CA ASN A 188 9.14 -17.08 -4.70
C ASN A 188 9.92 -17.90 -5.74
N GLU A 189 9.44 -17.95 -6.98
CA GLU A 189 10.09 -18.72 -8.06
C GLU A 189 11.42 -18.09 -8.46
N ILE A 190 11.46 -16.76 -8.66
CA ILE A 190 12.75 -16.07 -8.96
C ILE A 190 13.69 -16.23 -7.77
N ALA A 191 13.22 -16.02 -6.57
CA ALA A 191 14.07 -16.16 -5.36
C ALA A 191 14.66 -17.57 -5.28
N ALA A 192 13.89 -18.64 -5.47
CA ALA A 192 14.42 -20.03 -5.49
C ALA A 192 15.50 -20.21 -6.57
N CYS A 193 15.27 -19.68 -7.77
CA CYS A 193 16.24 -19.78 -8.88
C CYS A 193 17.56 -19.08 -8.48
N LEU A 194 17.51 -17.84 -7.96
CA LEU A 194 18.71 -17.11 -7.48
C LEU A 194 19.35 -17.89 -6.32
N THR A 195 18.59 -18.37 -5.35
CA THR A 195 19.17 -19.13 -4.23
C THR A 195 19.94 -20.35 -4.77
N LYS A 196 19.35 -21.11 -5.68
CA LYS A 196 20.04 -22.28 -6.27
C LYS A 196 21.32 -21.83 -6.99
N ALA A 197 21.43 -20.60 -7.50
CA ALA A 197 22.63 -20.12 -8.22
C ALA A 197 23.65 -19.53 -7.21
N GLY A 198 23.39 -19.67 -5.91
CA GLY A 198 24.33 -19.26 -4.84
C GLY A 198 24.11 -17.86 -4.35
N LYS A 199 23.01 -17.21 -4.74
CA LYS A 199 22.76 -15.82 -4.28
C LYS A 199 22.07 -15.81 -2.92
N ARG A 200 22.30 -14.72 -2.17
CA ARG A 200 21.59 -14.46 -0.90
C ARG A 200 20.40 -13.54 -1.16
N VAL A 201 19.20 -14.04 -0.89
CA VAL A 201 17.95 -13.37 -1.33
C VAL A 201 17.09 -13.06 -0.12
N ILE A 202 16.55 -11.84 -0.08
CA ILE A 202 15.53 -11.45 0.92
C ILE A 202 14.28 -11.17 0.11
N GLN A 203 13.11 -11.63 0.56
CA GLN A 203 11.81 -11.36 -0.09
C GLN A 203 11.00 -10.41 0.78
N LEU A 204 10.44 -9.37 0.18
CA LEU A 204 9.54 -8.41 0.84
C LEU A 204 8.17 -8.44 0.18
N SER A 205 7.13 -8.38 1.00
CA SER A 205 5.74 -8.16 0.56
C SER A 205 5.01 -7.40 1.67
N ARG A 206 3.76 -7.02 1.44
CA ARG A 206 2.98 -6.23 2.43
C ARG A 206 2.97 -6.96 3.78
N LYS A 207 2.72 -8.27 3.80
CA LYS A 207 2.51 -9.05 5.06
C LYS A 207 3.84 -9.23 5.80
N THR A 208 4.95 -9.29 5.09
CA THR A 208 6.27 -9.60 5.70
C THR A 208 7.09 -8.33 5.86
N PHE A 209 6.61 -7.18 5.38
CA PHE A 209 7.47 -5.99 5.17
C PHE A 209 8.28 -5.63 6.43
N GLU A 210 7.64 -5.33 7.56
CA GLU A 210 8.41 -4.77 8.71
C GLU A 210 9.49 -5.78 9.12
N THR A 211 9.11 -7.02 9.37
CA THR A 211 10.05 -8.09 9.81
C THR A 211 11.20 -8.23 8.81
N GLU A 212 10.89 -8.44 7.53
CA GLU A 212 11.92 -8.85 6.55
C GLU A 212 12.79 -7.64 6.16
N PHE A 213 12.24 -6.43 6.16
CA PHE A 213 13.00 -5.22 5.76
C PHE A 213 14.23 -5.08 6.68
N GLN A 214 14.11 -5.45 7.97
CA GLN A 214 15.24 -5.33 8.93
C GLN A 214 16.44 -6.16 8.43
N LYS A 215 16.19 -7.29 7.75
CA LYS A 215 17.26 -8.17 7.25
C LYS A 215 18.12 -7.41 6.23
N THR A 216 17.57 -6.39 5.54
CA THR A 216 18.36 -5.67 4.51
C THR A 216 19.44 -4.84 5.20
N LYS A 217 19.22 -4.52 6.49
CA LYS A 217 20.17 -3.72 7.29
C LYS A 217 21.12 -4.63 8.10
N ASN A 218 20.66 -5.81 8.53
CA ASN A 218 21.33 -6.63 9.58
C ASN A 218 22.20 -7.72 8.96
N GLN A 219 22.01 -8.05 7.68
CA GLN A 219 22.81 -9.12 7.04
C GLN A 219 23.21 -8.68 5.63
N GLU A 220 24.28 -9.28 5.12
CA GLU A 220 24.73 -9.10 3.72
C GLU A 220 23.72 -9.87 2.84
N TRP A 221 23.40 -9.29 1.70
CA TRP A 221 22.42 -9.84 0.74
C TRP A 221 22.90 -9.48 -0.65
N ASP A 222 22.50 -10.25 -1.65
CA ASP A 222 22.80 -10.00 -3.08
C ASP A 222 21.54 -9.45 -3.79
N PHE A 223 20.37 -9.99 -3.47
CA PHE A 223 19.08 -9.58 -4.09
C PHE A 223 18.02 -9.36 -3.04
N VAL A 224 17.28 -8.27 -3.20
CA VAL A 224 15.96 -8.11 -2.56
C VAL A 224 14.91 -8.36 -3.65
N ILE A 225 14.02 -9.30 -3.42
CA ILE A 225 12.87 -9.61 -4.31
C ILE A 225 11.66 -8.99 -3.62
N THR A 226 11.05 -8.03 -4.26
CA THR A 226 9.97 -7.25 -3.62
C THR A 226 8.80 -7.08 -4.60
N THR A 227 7.60 -7.04 -4.03
CA THR A 227 6.39 -6.51 -4.67
C THR A 227 6.43 -4.98 -4.63
N ASP A 228 5.38 -4.36 -5.16
CA ASP A 228 5.22 -2.89 -5.30
C ASP A 228 5.26 -2.19 -3.92
N ILE A 229 5.23 -2.90 -2.77
CA ILE A 229 5.22 -2.19 -1.45
C ILE A 229 6.52 -1.36 -1.31
N SER A 230 7.62 -1.80 -1.94
CA SER A 230 8.91 -1.08 -1.80
C SER A 230 8.94 0.23 -2.59
N GLU A 231 7.87 0.56 -3.33
CA GLU A 231 7.67 1.90 -3.94
C GLU A 231 7.40 2.97 -2.87
N MET A 232 7.12 2.57 -1.62
CA MET A 232 6.60 3.56 -0.63
C MET A 232 7.70 3.96 0.35
N GLY A 233 8.78 4.52 -0.18
CA GLY A 233 9.86 5.13 0.61
C GLY A 233 10.76 4.11 1.30
N ALA A 234 10.83 2.86 0.85
CA ALA A 234 11.80 1.83 1.33
C ALA A 234 13.16 2.20 0.74
N ASN A 235 14.19 2.36 1.55
CA ASN A 235 15.55 2.68 1.04
C ASN A 235 16.48 1.50 1.26
N PHE A 236 17.32 1.29 0.25
CA PHE A 236 18.27 0.17 0.15
C PHE A 236 19.64 0.77 -0.20
N LYS A 237 20.71 0.10 0.22
CA LYS A 237 22.08 0.43 -0.23
C LYS A 237 22.32 -0.49 -1.43
N ALA A 238 21.87 -0.09 -2.61
CA ALA A 238 21.88 -0.96 -3.79
C ALA A 238 22.51 -0.22 -4.96
N ASP A 239 23.02 -0.94 -5.96
CA ASP A 239 23.52 -0.25 -7.18
C ASP A 239 22.72 -0.69 -8.42
N ARG A 240 21.69 -1.54 -8.27
CA ARG A 240 20.88 -1.93 -9.44
C ARG A 240 19.43 -2.15 -9.02
N VAL A 241 18.51 -1.68 -9.85
CA VAL A 241 17.10 -2.15 -9.84
C VAL A 241 16.86 -2.98 -11.10
N ILE A 242 16.25 -4.13 -10.91
CA ILE A 242 15.66 -4.92 -12.03
C ILE A 242 14.16 -4.74 -11.88
N ASP A 243 13.52 -4.24 -12.91
CA ASP A 243 12.07 -3.95 -12.81
C ASP A 243 11.37 -4.75 -13.90
N SER A 244 10.53 -5.72 -13.51
CA SER A 244 9.58 -6.42 -14.42
C SER A 244 8.70 -5.40 -15.16
N ARG A 245 8.44 -4.25 -14.52
CA ARG A 245 7.47 -3.24 -14.97
C ARG A 245 6.07 -3.84 -14.99
N ARG A 246 5.83 -4.87 -14.16
CA ARG A 246 4.50 -5.53 -14.11
C ARG A 246 3.96 -5.58 -12.68
N CYS A 247 2.63 -5.62 -12.58
CA CYS A 247 1.88 -5.66 -11.31
C CYS A 247 0.61 -6.47 -11.55
N LEU A 248 -0.04 -6.88 -10.47
CA LEU A 248 -1.43 -7.42 -10.52
C LEU A 248 -2.39 -6.27 -10.28
N LYS A 249 -3.56 -6.38 -10.87
CA LYS A 249 -4.63 -5.36 -10.78
C LYS A 249 -5.85 -6.07 -10.27
N PRO A 250 -6.36 -5.75 -9.06
CA PRO A 250 -7.67 -6.24 -8.63
C PRO A 250 -8.71 -5.56 -9.51
N VAL A 251 -9.63 -6.36 -10.01
CA VAL A 251 -10.74 -5.94 -10.88
C VAL A 251 -12.03 -6.58 -10.37
N ILE A 252 -13.05 -5.75 -10.20
CA ILE A 252 -14.39 -6.26 -9.84
C ILE A 252 -15.08 -6.63 -11.17
N LEU A 253 -15.48 -7.90 -11.35
CA LEU A 253 -16.24 -8.37 -12.55
C LEU A 253 -17.73 -8.37 -12.23
N ASP A 254 -18.54 -7.68 -13.02
CA ASP A 254 -20.02 -7.81 -12.94
C ASP A 254 -20.55 -7.48 -11.54
N GLY A 255 -19.87 -6.62 -10.77
CA GLY A 255 -20.24 -6.28 -9.39
C GLY A 255 -20.22 -7.46 -8.40
N GLU A 256 -19.68 -8.64 -8.75
CA GLU A 256 -19.99 -9.90 -8.00
C GLU A 256 -18.75 -10.72 -7.59
N ARG A 257 -17.56 -10.46 -8.14
CA ARG A 257 -16.33 -11.17 -7.74
C ARG A 257 -15.16 -10.24 -7.99
N VAL A 258 -14.04 -10.56 -7.37
CA VAL A 258 -12.79 -9.79 -7.61
C VAL A 258 -11.77 -10.78 -8.12
N ILE A 259 -11.12 -10.45 -9.23
CA ILE A 259 -10.02 -11.27 -9.78
C ILE A 259 -8.76 -10.43 -9.71
N LEU A 260 -7.61 -11.10 -9.66
CA LEU A 260 -6.30 -10.45 -9.82
C LEU A 260 -5.86 -10.60 -11.28
N ALA A 261 -6.09 -9.54 -12.06
CA ALA A 261 -5.83 -9.49 -13.52
C ALA A 261 -4.34 -9.23 -13.73
N GLY A 262 -3.81 -9.75 -14.81
CA GLY A 262 -2.41 -9.49 -15.16
C GLY A 262 -1.59 -10.76 -14.97
N PRO A 263 -0.27 -10.65 -14.75
CA PRO A 263 0.39 -9.35 -14.58
C PRO A 263 0.28 -8.42 -15.79
N MET A 264 0.29 -7.12 -15.52
CA MET A 264 0.15 -6.11 -16.57
C MET A 264 1.03 -4.92 -16.23
N PRO A 265 1.17 -3.94 -17.15
CA PRO A 265 2.13 -2.86 -16.96
C PRO A 265 1.80 -2.06 -15.70
N VAL A 266 2.86 -1.57 -15.07
CA VAL A 266 2.78 -0.60 -13.96
C VAL A 266 2.46 0.78 -14.52
N THR A 267 1.99 1.68 -13.65
CA THR A 267 1.87 3.13 -13.99
C THR A 267 3.25 3.77 -14.17
N HIS A 268 3.27 4.96 -14.76
CA HIS A 268 4.50 5.81 -14.80
C HIS A 268 4.98 6.10 -13.37
N ALA A 269 4.06 6.43 -12.46
CA ALA A 269 4.40 6.74 -11.06
C ALA A 269 5.11 5.55 -10.43
N SER A 270 4.57 4.34 -10.58
CA SER A 270 5.18 3.13 -9.98
C SER A 270 6.56 2.93 -10.58
N ALA A 271 6.71 3.03 -11.92
CA ALA A 271 8.01 2.80 -12.59
C ALA A 271 9.02 3.81 -12.05
N ALA A 272 8.63 5.07 -11.89
CA ALA A 272 9.55 6.13 -11.38
C ALA A 272 9.97 5.82 -9.93
N GLN A 273 9.07 5.31 -9.09
CA GLN A 273 9.37 4.97 -7.66
C GLN A 273 10.29 3.76 -7.59
N ARG A 274 10.09 2.79 -8.48
CA ARG A 274 10.91 1.56 -8.52
C ARG A 274 12.32 2.00 -8.93
N ARG A 275 12.41 2.73 -10.01
CA ARG A 275 13.70 3.26 -10.49
C ARG A 275 14.33 4.09 -9.38
N GLY A 276 13.52 4.90 -8.69
CA GLY A 276 13.95 5.86 -7.67
C GLY A 276 14.62 5.20 -6.49
N ARG A 277 14.62 3.86 -6.40
CA ARG A 277 15.33 3.17 -5.29
C ARG A 277 16.84 3.35 -5.48
N ILE A 278 17.30 3.65 -6.71
CA ILE A 278 18.77 3.78 -6.98
C ILE A 278 19.06 5.14 -7.59
N GLY A 279 20.33 5.51 -7.76
CA GLY A 279 20.71 6.86 -8.21
C GLY A 279 20.61 7.86 -7.07
N ARG A 280 20.54 7.39 -5.83
CA ARG A 280 20.25 8.24 -4.65
C ARG A 280 21.55 8.82 -4.05
N ASN A 281 22.71 8.31 -4.45
CA ASN A 281 24.01 8.73 -3.85
C ASN A 281 24.79 9.57 -4.86
N PRO A 282 24.98 10.90 -4.64
CA PRO A 282 25.63 11.75 -5.63
C PRO A 282 27.08 11.31 -5.88
N ASN A 283 27.67 10.61 -4.90
CA ASN A 283 29.06 10.08 -4.92
C ASN A 283 29.12 8.75 -5.66
N LYS A 284 28.00 8.14 -6.05
CA LYS A 284 28.03 6.82 -6.71
C LYS A 284 27.19 6.89 -7.98
N PRO A 285 27.72 7.47 -9.07
CA PRO A 285 27.03 7.53 -10.34
C PRO A 285 27.06 6.15 -11.00
N GLY A 286 26.09 5.93 -11.90
CA GLY A 286 26.02 4.73 -12.76
C GLY A 286 25.36 3.56 -12.06
N ASP A 287 24.51 3.87 -11.11
CA ASP A 287 23.53 2.84 -10.69
C ASP A 287 22.73 2.45 -11.94
N GLU A 288 22.32 1.19 -12.02
CA GLU A 288 21.64 0.62 -13.21
C GLU A 288 20.14 0.40 -12.95
N TYR A 289 19.32 0.72 -13.95
CA TYR A 289 17.88 0.43 -13.95
C TYR A 289 17.56 -0.37 -15.20
N MET A 290 17.31 -1.66 -15.00
CA MET A 290 16.96 -2.61 -16.06
C MET A 290 15.46 -2.79 -16.05
N TYR A 291 14.78 -2.46 -17.14
CA TYR A 291 13.29 -2.52 -17.11
C TYR A 291 12.81 -3.39 -18.25
N GLY A 292 11.79 -4.21 -17.96
CA GLY A 292 11.33 -5.32 -18.83
C GLY A 292 10.00 -5.10 -19.49
N GLY A 293 9.50 -3.86 -19.57
CA GLY A 293 8.25 -3.54 -20.26
C GLY A 293 7.95 -2.07 -20.20
N GLY A 294 6.88 -1.66 -20.86
CA GLY A 294 6.42 -0.26 -20.91
C GLY A 294 5.48 0.03 -19.73
N CYS A 295 5.05 1.28 -19.60
CA CYS A 295 4.10 1.70 -18.54
C CYS A 295 2.75 1.91 -19.21
N ALA A 296 1.69 1.81 -18.44
CA ALA A 296 0.32 2.08 -18.90
C ALA A 296 -0.49 2.56 -17.71
N GLU A 297 -1.60 3.25 -17.90
N GLU A 297 -1.66 3.13 -18.00
CA GLU A 297 -2.34 3.79 -16.74
CA GLU A 297 -2.64 3.71 -17.02
C GLU A 297 -3.34 2.71 -16.29
C GLU A 297 -3.44 2.59 -16.36
N THR A 298 -2.79 1.67 -15.65
CA THR A 298 -3.49 0.46 -15.14
C THR A 298 -4.19 0.75 -13.80
N ASP A 299 -4.14 2.00 -13.31
CA ASP A 299 -4.93 2.43 -12.12
C ASP A 299 -6.37 2.72 -12.55
N GLU A 300 -6.63 2.88 -13.84
CA GLU A 300 -8.01 3.13 -14.35
C GLU A 300 -8.79 1.84 -14.21
N GLY A 301 -9.93 1.85 -13.49
CA GLY A 301 -10.78 0.66 -13.26
C GLY A 301 -10.20 -0.30 -12.23
N HIS A 302 -9.16 0.10 -11.50
CA HIS A 302 -8.50 -0.74 -10.47
C HIS A 302 -9.43 -0.74 -9.24
N ALA A 303 -9.65 -1.87 -8.60
CA ALA A 303 -10.62 -1.97 -7.49
C ALA A 303 -10.26 -1.04 -6.33
N HIS A 304 -8.97 -0.70 -6.13
CA HIS A 304 -8.61 0.12 -4.93
C HIS A 304 -9.39 1.44 -4.94
N TRP A 305 -9.68 2.02 -6.11
CA TRP A 305 -10.38 3.33 -6.15
C TRP A 305 -11.86 3.17 -5.75
N LEU A 306 -12.49 2.08 -6.14
CA LEU A 306 -13.87 1.76 -5.74
C LEU A 306 -13.86 1.44 -4.23
N GLU A 307 -12.94 0.61 -3.77
CA GLU A 307 -12.76 0.39 -2.30
C GLU A 307 -12.61 1.72 -1.54
N ALA A 308 -11.80 2.67 -2.01
CA ALA A 308 -11.62 3.99 -1.38
C ALA A 308 -12.98 4.70 -1.27
N ARG A 309 -13.84 4.61 -2.29
CA ARG A 309 -15.20 5.20 -2.24
C ARG A 309 -16.04 4.48 -1.17
N MET A 310 -15.92 3.17 -1.03
CA MET A 310 -16.62 2.41 0.03
C MET A 310 -16.18 2.94 1.40
N LEU A 311 -14.90 3.20 1.61
CA LEU A 311 -14.43 3.70 2.93
C LEU A 311 -15.00 5.13 3.15
N LEU A 312 -14.88 6.00 2.12
CA LEU A 312 -15.26 7.42 2.26
C LEU A 312 -16.77 7.58 2.45
N ASP A 313 -17.55 6.65 1.89
CA ASP A 313 -19.01 6.70 2.01
C ASP A 313 -19.39 6.47 3.47
N ASN A 314 -18.48 5.87 4.26
CA ASN A 314 -18.77 5.42 5.64
C ASN A 314 -17.97 6.26 6.64
N ILE A 315 -17.42 7.39 6.23
CA ILE A 315 -16.74 8.35 7.13
C ILE A 315 -17.60 9.60 7.30
N TYR A 316 -17.90 9.93 8.53
CA TYR A 316 -18.64 11.17 8.86
C TYR A 316 -17.78 12.38 8.50
N LEU A 317 -18.38 13.34 7.80
CA LEU A 317 -17.71 14.61 7.42
C LEU A 317 -18.49 15.78 8.05
N GLN A 318 -19.74 15.93 7.66
CA GLN A 318 -20.66 16.97 8.18
C GLN A 318 -22.07 16.66 7.67
N ASP A 319 -23.03 16.43 8.56
CA ASP A 319 -24.42 15.98 8.24
C ASP A 319 -24.34 14.81 7.27
N GLY A 320 -24.93 14.92 6.09
CA GLY A 320 -24.92 13.82 5.10
C GLY A 320 -23.88 14.02 4.01
N LEU A 321 -23.01 15.04 4.12
CA LEU A 321 -21.96 15.33 3.13
C LEU A 321 -20.93 14.18 3.14
N ILE A 322 -20.41 13.86 1.97
CA ILE A 322 -19.46 12.72 1.81
C ILE A 322 -18.22 13.26 1.11
N ALA A 323 -17.05 12.88 1.57
CA ALA A 323 -15.77 13.32 0.99
C ALA A 323 -15.65 12.73 -0.42
N SER A 324 -15.16 13.55 -1.34
CA SER A 324 -14.81 13.21 -2.73
C SER A 324 -13.40 12.62 -2.73
N LEU A 325 -13.06 11.82 -3.73
CA LEU A 325 -11.65 11.49 -4.01
C LEU A 325 -10.92 12.79 -4.38
N TYR A 326 -9.64 12.83 -4.07
CA TYR A 326 -8.69 13.86 -4.48
C TYR A 326 -8.82 14.00 -6.02
N ARG A 327 -9.05 15.23 -6.48
CA ARG A 327 -9.52 15.49 -7.86
C ARG A 327 -8.65 14.76 -8.89
N PRO A 328 -7.31 14.84 -8.93
CA PRO A 328 -6.52 14.15 -9.96
C PRO A 328 -6.68 12.63 -9.99
N GLU A 329 -7.30 12.02 -8.98
CA GLU A 329 -7.48 10.54 -9.07
C GLU A 329 -8.96 10.20 -9.06
N ALA A 330 -9.85 11.17 -9.20
CA ALA A 330 -11.31 10.96 -9.00
C ALA A 330 -11.97 10.27 -10.21
N ASP A 331 -11.32 10.22 -11.39
CA ASP A 331 -11.92 9.55 -12.59
C ASP A 331 -11.47 8.11 -12.72
N LYS A 332 -10.69 7.60 -11.78
CA LYS A 332 -10.15 6.21 -11.86
C LYS A 332 -11.29 5.22 -11.62
N VAL A 333 -12.43 5.70 -11.14
CA VAL A 333 -13.58 4.81 -10.80
C VAL A 333 -14.89 5.50 -11.23
N ALA A 334 -15.82 4.72 -11.76
CA ALA A 334 -17.21 5.15 -12.04
C ALA A 334 -18.04 4.87 -10.80
N ALA A 335 -18.07 5.78 -9.84
CA ALA A 335 -18.83 5.55 -8.59
C ALA A 335 -19.52 6.85 -8.23
N ILE A 336 -20.63 6.71 -7.54
CA ILE A 336 -21.52 7.80 -7.09
C ILE A 336 -21.23 8.01 -5.60
N GLU A 337 -20.82 9.20 -5.18
CA GLU A 337 -20.61 9.52 -3.73
C GLU A 337 -21.89 9.13 -2.96
N GLY A 338 -21.75 8.33 -1.90
CA GLY A 338 -22.89 7.88 -1.07
C GLY A 338 -23.45 6.51 -1.46
N GLU A 339 -23.12 5.95 -2.63
CA GLU A 339 -23.77 4.68 -3.05
C GLU A 339 -23.46 3.57 -2.04
N PHE A 340 -22.35 3.65 -1.30
CA PHE A 340 -21.91 2.55 -0.39
C PHE A 340 -22.14 2.90 1.08
N LYS A 341 -22.89 3.98 1.35
CA LYS A 341 -23.18 4.41 2.73
C LYS A 341 -24.01 3.33 3.43
N LEU A 342 -23.50 2.81 4.53
CA LEU A 342 -24.22 1.76 5.30
C LEU A 342 -24.92 2.36 6.52
N ARG A 343 -26.04 1.74 6.92
CA ARG A 343 -26.71 2.02 8.22
C ARG A 343 -25.79 1.60 9.37
N THR A 344 -26.06 2.08 10.58
CA THR A 344 -25.11 2.10 11.72
C THR A 344 -24.60 0.68 11.99
N GLU A 345 -25.46 -0.32 12.10
CA GLU A 345 -25.06 -1.70 12.50
C GLU A 345 -24.29 -2.37 11.35
N GLN A 346 -24.75 -2.21 10.12
CA GLN A 346 -24.01 -2.77 8.96
C GLN A 346 -22.65 -2.07 8.85
N ARG A 347 -22.55 -0.74 9.11
CA ARG A 347 -21.25 -0.04 9.05
C ARG A 347 -20.30 -0.61 10.08
N LYS A 348 -20.79 -0.87 11.28
CA LYS A 348 -19.92 -1.44 12.34
C LYS A 348 -19.41 -2.81 11.88
N THR A 349 -20.27 -3.62 11.26
CA THR A 349 -19.88 -4.97 10.77
C THR A 349 -18.77 -4.79 9.73
N PHE A 350 -18.98 -3.84 8.82
CA PHE A 350 -18.03 -3.55 7.70
C PHE A 350 -16.66 -3.23 8.30
N VAL A 351 -16.63 -2.30 9.23
CA VAL A 351 -15.38 -1.90 9.92
C VAL A 351 -14.73 -3.13 10.57
N GLU A 352 -15.50 -3.93 11.32
CA GLU A 352 -14.88 -5.06 12.06
C GLU A 352 -14.39 -6.14 11.09
N LEU A 353 -15.07 -6.38 9.97
CA LEU A 353 -14.59 -7.37 8.97
C LEU A 353 -13.23 -6.94 8.40
N MET A 354 -13.00 -5.63 8.32
CA MET A 354 -11.69 -5.14 7.86
C MET A 354 -10.69 -5.17 9.00
N LYS A 355 -11.00 -4.55 10.14
CA LYS A 355 -10.06 -4.35 11.26
C LYS A 355 -9.65 -5.70 11.91
N ARG A 356 -10.61 -6.52 12.26
CA ARG A 356 -10.37 -7.82 12.97
C ARG A 356 -10.31 -8.92 11.90
N GLY A 357 -11.25 -8.89 10.96
CA GLY A 357 -11.39 -9.94 9.94
C GLY A 357 -10.21 -9.96 8.99
N ASP A 358 -9.57 -8.80 8.79
CA ASP A 358 -8.50 -8.57 7.80
C ASP A 358 -8.98 -8.93 6.39
N LEU A 359 -10.26 -8.75 6.10
CA LEU A 359 -10.80 -8.99 4.74
C LEU A 359 -10.54 -7.77 3.88
N PRO A 360 -10.39 -7.97 2.56
CA PRO A 360 -10.33 -6.83 1.63
C PRO A 360 -11.59 -5.96 1.77
N VAL A 361 -11.45 -4.66 1.56
CA VAL A 361 -12.59 -3.73 1.64
C VAL A 361 -13.80 -4.26 0.85
N TRP A 362 -13.60 -4.62 -0.41
CA TRP A 362 -14.76 -5.01 -1.26
C TRP A 362 -15.50 -6.19 -0.62
N LEU A 363 -14.78 -7.22 -0.19
CA LEU A 363 -15.39 -8.41 0.42
C LEU A 363 -16.09 -8.05 1.74
N ALA A 364 -15.45 -7.26 2.61
CA ALA A 364 -16.07 -6.77 3.86
C ALA A 364 -17.39 -6.09 3.55
N TYR A 365 -17.41 -5.30 2.49
CA TYR A 365 -18.63 -4.55 2.09
C TYR A 365 -19.74 -5.53 1.69
N GLN A 366 -19.44 -6.53 0.86
CA GLN A 366 -20.48 -7.48 0.40
C GLN A 366 -21.11 -8.13 1.62
N VAL A 367 -20.29 -8.59 2.54
CA VAL A 367 -20.80 -9.35 3.72
C VAL A 367 -21.66 -8.40 4.58
N ALA A 368 -21.14 -7.24 4.93
CA ALA A 368 -21.85 -6.26 5.79
C ALA A 368 -23.17 -5.84 5.10
N SER A 369 -23.14 -5.55 3.80
CA SER A 369 -24.31 -4.97 3.08
C SER A 369 -25.39 -6.04 2.92
N ALA A 370 -25.02 -7.32 3.02
CA ALA A 370 -25.97 -8.46 2.98
C ALA A 370 -26.67 -8.66 4.33
N GLY A 371 -26.32 -7.88 5.36
CA GLY A 371 -26.90 -7.95 6.72
C GLY A 371 -26.37 -9.13 7.52
N ILE A 372 -25.21 -9.67 7.15
CA ILE A 372 -24.50 -10.76 7.88
C ILE A 372 -23.74 -10.13 9.04
N THR A 373 -23.74 -10.75 10.23
CA THR A 373 -23.03 -10.21 11.41
C THR A 373 -21.59 -10.73 11.39
N TYR A 374 -20.70 -10.11 12.16
CA TYR A 374 -19.24 -10.34 12.01
C TYR A 374 -18.91 -11.83 12.22
N THR A 375 -19.49 -12.51 13.21
CA THR A 375 -19.08 -13.88 13.61
C THR A 375 -19.83 -14.95 12.81
N ASP A 376 -20.73 -14.56 11.93
CA ASP A 376 -21.53 -15.49 11.09
C ASP A 376 -20.76 -15.84 9.82
N ARG A 377 -20.20 -17.05 9.73
CA ARG A 377 -19.26 -17.47 8.67
C ARG A 377 -19.92 -18.44 7.70
N ARG A 378 -21.23 -18.65 7.81
CA ARG A 378 -21.95 -19.55 6.88
C ARG A 378 -21.67 -19.18 5.42
N TRP A 379 -21.53 -17.89 5.12
CA TRP A 379 -21.27 -17.40 3.74
C TRP A 379 -19.93 -17.92 3.19
N CYS A 380 -19.01 -18.38 4.01
CA CYS A 380 -17.70 -18.87 3.53
C CYS A 380 -17.87 -20.24 2.87
N PHE A 381 -19.06 -20.86 3.00
CA PHE A 381 -19.27 -22.28 2.60
C PHE A 381 -20.43 -22.46 1.61
N ASP A 382 -21.22 -21.45 1.29
CA ASP A 382 -22.52 -21.64 0.57
C ASP A 382 -22.49 -20.93 -0.79
N GLY A 383 -21.32 -20.64 -1.32
CA GLY A 383 -21.16 -20.15 -2.70
C GLY A 383 -21.38 -21.26 -3.73
N THR A 384 -21.43 -20.88 -5.01
CA THR A 384 -21.54 -21.84 -6.14
C THR A 384 -20.26 -22.68 -6.20
N THR A 385 -20.30 -23.81 -6.89
CA THR A 385 -19.15 -24.72 -7.06
C THR A 385 -17.95 -23.97 -7.67
N ASN A 386 -18.21 -22.99 -8.53
CA ASN A 386 -17.13 -22.28 -9.26
C ASN A 386 -16.44 -21.27 -8.33
N ASN A 387 -16.96 -21.03 -7.10
CA ASN A 387 -16.29 -20.18 -6.09
C ASN A 387 -15.44 -21.05 -5.15
N THR A 388 -15.33 -22.36 -5.42
CA THR A 388 -14.47 -23.28 -4.65
C THR A 388 -13.03 -22.76 -4.63
N ILE A 389 -12.45 -22.60 -3.44
CA ILE A 389 -11.03 -22.16 -3.32
C ILE A 389 -10.16 -23.41 -3.38
N MET A 390 -9.16 -23.36 -4.24
CA MET A 390 -8.27 -24.50 -4.53
C MET A 390 -6.97 -24.28 -3.78
N GLU A 391 -6.46 -25.33 -3.13
N GLU A 391 -6.46 -25.35 -3.15
CA GLU A 391 -5.13 -25.35 -2.46
CA GLU A 391 -5.15 -25.40 -2.43
C GLU A 391 -4.31 -26.52 -3.03
C GLU A 391 -4.33 -26.54 -3.06
N ASP A 392 -3.30 -26.21 -3.85
CA ASP A 392 -2.45 -27.23 -4.54
C ASP A 392 -3.32 -28.18 -5.35
N SER A 393 -4.23 -27.62 -6.16
CA SER A 393 -5.05 -28.31 -7.17
C SER A 393 -6.16 -29.17 -6.55
N VAL A 394 -6.42 -29.08 -5.24
CA VAL A 394 -7.54 -29.78 -4.53
C VAL A 394 -8.38 -28.73 -3.78
N PRO A 395 -9.71 -28.89 -3.65
CA PRO A 395 -10.52 -27.92 -2.90
C PRO A 395 -9.93 -27.72 -1.50
N ALA A 396 -9.78 -26.47 -1.04
CA ALA A 396 -9.33 -26.16 0.35
C ALA A 396 -10.44 -26.60 1.29
N GLU A 397 -10.07 -27.10 2.47
CA GLU A 397 -11.05 -27.63 3.44
C GLU A 397 -10.76 -27.02 4.79
N VAL A 398 -11.79 -26.73 5.58
CA VAL A 398 -11.58 -26.30 6.98
C VAL A 398 -12.57 -27.04 7.87
N TRP A 399 -12.26 -27.07 9.15
CA TRP A 399 -13.28 -27.46 10.14
C TRP A 399 -14.00 -26.18 10.52
N THR A 400 -15.30 -26.18 10.36
CA THR A 400 -16.17 -25.07 10.77
C THR A 400 -16.16 -24.97 12.30
N LYS A 401 -16.62 -23.84 12.78
CA LYS A 401 -16.82 -23.56 14.23
C LYS A 401 -17.77 -24.60 14.82
N TYR A 402 -18.53 -25.30 13.99
CA TYR A 402 -19.48 -26.36 14.42
C TYR A 402 -18.79 -27.72 14.53
N GLY A 403 -17.57 -27.84 14.05
CA GLY A 403 -16.83 -29.13 14.10
C GLY A 403 -17.06 -29.96 12.86
N GLU A 404 -17.53 -29.36 11.76
CA GLU A 404 -17.84 -30.06 10.48
C GLU A 404 -16.71 -29.74 9.48
N LYS A 405 -16.14 -30.74 8.79
CA LYS A 405 -15.20 -30.49 7.66
C LYS A 405 -15.97 -30.05 6.41
N ARG A 406 -15.65 -28.88 5.89
CA ARG A 406 -16.33 -28.35 4.71
C ARG A 406 -15.33 -27.76 3.74
N VAL A 407 -15.73 -27.82 2.48
CA VAL A 407 -15.04 -27.15 1.35
C VAL A 407 -15.28 -25.65 1.45
N LEU A 408 -14.18 -24.94 1.36
CA LEU A 408 -14.17 -23.46 1.34
C LEU A 408 -14.71 -23.01 -0.02
N LYS A 409 -15.84 -22.33 0.02
CA LYS A 409 -16.67 -22.00 -1.15
C LYS A 409 -17.44 -20.72 -0.87
N PRO A 410 -16.74 -19.56 -0.85
CA PRO A 410 -17.37 -18.33 -0.38
C PRO A 410 -18.44 -17.86 -1.36
N ARG A 411 -19.50 -17.28 -0.79
CA ARG A 411 -20.64 -16.72 -1.51
C ARG A 411 -20.15 -15.61 -2.47
N TRP A 412 -19.15 -14.84 -2.03
CA TRP A 412 -18.46 -13.80 -2.82
C TRP A 412 -16.98 -14.19 -2.88
N MET A 413 -16.45 -14.28 -4.09
CA MET A 413 -15.07 -14.71 -4.34
C MET A 413 -14.24 -13.44 -4.58
N ASP A 414 -13.27 -13.20 -3.72
CA ASP A 414 -12.24 -12.15 -3.87
C ASP A 414 -10.89 -12.85 -3.89
N ALA A 415 -10.21 -12.84 -5.03
CA ALA A 415 -8.96 -13.58 -5.31
C ALA A 415 -7.88 -13.16 -4.33
N ARG A 416 -8.01 -12.00 -3.70
CA ARG A 416 -6.99 -11.57 -2.72
C ARG A 416 -7.01 -12.44 -1.46
N VAL A 417 -8.10 -13.16 -1.17
CA VAL A 417 -8.09 -13.97 0.08
C VAL A 417 -7.32 -15.28 -0.14
N CYS A 418 -6.86 -15.55 -1.37
CA CYS A 418 -6.11 -16.79 -1.68
C CYS A 418 -5.01 -16.55 -2.72
N SER A 419 -4.42 -15.35 -2.73
CA SER A 419 -3.40 -14.88 -3.71
C SER A 419 -2.05 -15.58 -3.47
N ASP A 420 -1.84 -16.08 -2.25
CA ASP A 420 -0.62 -16.81 -1.86
C ASP A 420 -0.96 -17.68 -0.65
N HIS A 421 -0.01 -18.50 -0.22
CA HIS A 421 -0.26 -19.49 0.85
C HIS A 421 -0.66 -18.75 2.14
N ALA A 422 0.01 -17.65 2.49
CA ALA A 422 -0.23 -16.86 3.72
C ALA A 422 -1.66 -16.31 3.71
N ALA A 423 -2.10 -15.73 2.60
CA ALA A 423 -3.47 -15.19 2.44
C ALA A 423 -4.47 -16.34 2.67
N LEU A 424 -4.27 -17.49 2.03
CA LEU A 424 -5.30 -18.56 2.09
C LEU A 424 -5.32 -19.10 3.52
N LYS A 425 -4.16 -19.24 4.14
CA LYS A 425 -4.09 -19.68 5.56
C LYS A 425 -4.93 -18.73 6.44
N SER A 426 -4.75 -17.42 6.29
CA SER A 426 -5.51 -16.41 7.07
C SER A 426 -7.00 -16.55 6.77
N PHE A 427 -7.37 -16.74 5.52
CA PHE A 427 -8.81 -16.83 5.19
C PHE A 427 -9.41 -18.13 5.76
N LYS A 428 -8.69 -19.24 5.73
CA LYS A 428 -9.14 -20.52 6.34
C LYS A 428 -9.43 -20.33 7.82
N GLU A 429 -8.54 -19.62 8.52
CA GLU A 429 -8.67 -19.32 9.98
C GLU A 429 -9.94 -18.50 10.15
N PHE A 430 -10.15 -17.52 9.27
CA PHE A 430 -11.39 -16.70 9.33
C PHE A 430 -12.62 -17.59 9.12
N ALA A 431 -12.60 -18.46 8.09
CA ALA A 431 -13.78 -19.27 7.77
C ALA A 431 -14.12 -20.21 8.94
N ALA A 432 -13.09 -20.63 9.67
CA ALA A 432 -13.15 -21.57 10.81
C ALA A 432 -13.67 -20.89 12.09
N GLY A 433 -13.85 -19.58 12.07
CA GLY A 433 -14.24 -18.78 13.24
C GLY A 433 -13.12 -18.49 14.23
N LYS A 434 -11.88 -18.51 13.77
CA LYS A 434 -10.70 -18.37 14.64
C LYS A 434 -10.34 -16.90 14.88
N ARG A 435 -11.07 -15.96 14.28
CA ARG A 435 -10.94 -14.53 14.67
C ARG A 435 -12.19 -13.78 14.25
#